data_6J9R
#
_entry.id   6J9R
#
_cell.length_a   51.612
_cell.length_b   61.100
_cell.length_c   128.084
_cell.angle_alpha   90.000
_cell.angle_beta   90.000
_cell.angle_gamma   90.000
#
_symmetry.space_group_name_H-M   'P 21 21 21'
#
loop_
_entity.id
_entity.type
_entity.pdbx_description
1 polymer 'Brain tumor protein'
2 non-polymer GLYCEROL
3 water water
#
_entity_poly.entity_id   1
_entity_poly.type   'polypeptide(L)'
_entity_poly.pdbx_seq_one_letter_code
;GSTANESALQTLLAD(MSE)RGKIGEIVGIAGNSDQNLTKVKLQYQKAHNELNETHQFFAS(MSE)LDERKTELLKELET
LYTAKVNSNNSWQQRSRDLIDKGLATCEAVERSPAPPSSLLTEALLLRKSLEQQLQTGIQE(MSE)QL
;
_entity_poly.pdbx_strand_id   A,B
#
# COMPACT_ATOMS: atom_id res chain seq x y z
N SER A 7 -11.42 -66.12 -20.17
CA SER A 7 -11.06 -65.05 -21.10
C SER A 7 -11.75 -63.74 -20.75
N ALA A 8 -13.03 -63.78 -20.42
CA ALA A 8 -13.63 -62.61 -19.78
C ALA A 8 -12.85 -62.43 -18.46
N LEU A 9 -12.57 -63.56 -17.79
CA LEU A 9 -11.77 -63.53 -16.56
C LEU A 9 -10.34 -63.08 -16.85
N GLN A 10 -9.74 -63.63 -17.90
CA GLN A 10 -8.37 -63.27 -18.24
C GLN A 10 -8.27 -61.79 -18.60
N THR A 11 -9.32 -61.27 -19.22
CA THR A 11 -9.41 -59.85 -19.57
C THR A 11 -9.49 -58.97 -18.33
N LEU A 12 -10.28 -59.39 -17.33
CA LEU A 12 -10.38 -58.69 -16.07
C LEU A 12 -9.02 -58.59 -15.36
N LEU A 13 -8.35 -59.73 -15.21
CA LEU A 13 -7.08 -59.82 -14.51
C LEU A 13 -6.02 -58.96 -15.20
N ALA A 14 -5.98 -59.05 -16.53
CA ALA A 14 -5.05 -58.26 -17.30
C ALA A 14 -5.34 -56.78 -17.12
N ASP A 15 -6.63 -56.45 -17.08
CA ASP A 15 -7.00 -55.06 -16.84
C ASP A 15 -6.51 -54.60 -15.47
N ARG A 17 -4.17 -55.85 -13.53
CA ARG A 17 -2.72 -55.81 -13.42
C ARG A 17 -2.15 -54.65 -14.23
N GLY A 18 -2.83 -54.29 -15.32
CA GLY A 18 -2.40 -53.15 -16.09
C GLY A 18 -2.56 -51.86 -15.29
N LYS A 19 -3.68 -51.72 -14.60
CA LYS A 19 -3.91 -50.52 -13.84
C LYS A 19 -2.96 -50.48 -12.66
N ILE A 20 -2.70 -51.62 -12.06
CA ILE A 20 -1.74 -51.69 -10.96
C ILE A 20 -0.37 -51.19 -11.41
N GLY A 21 0.09 -51.68 -12.56
CA GLY A 21 1.36 -51.23 -13.10
C GLY A 21 1.40 -49.73 -13.38
N GLU A 22 0.32 -49.21 -13.95
CA GLU A 22 0.20 -47.77 -14.20
C GLU A 22 0.32 -46.95 -12.91
N ILE A 23 -0.43 -47.34 -11.88
CA ILE A 23 -0.37 -46.68 -10.59
C ILE A 23 1.04 -46.70 -10.01
N VAL A 24 1.68 -47.86 -10.09
CA VAL A 24 3.04 -48.04 -9.62
C VAL A 24 3.95 -47.04 -10.32
N GLY A 25 3.78 -46.92 -11.63
CA GLY A 25 4.52 -45.92 -12.38
C GLY A 25 4.20 -44.49 -11.97
N ILE A 26 2.92 -44.10 -12.09
CA ILE A 26 2.49 -42.73 -11.78
C ILE A 26 2.60 -42.39 -10.29
N ALA A 27 3.07 -43.32 -9.47
CA ALA A 27 3.33 -42.99 -8.10
C ALA A 27 4.66 -42.27 -8.06
N GLY A 28 5.52 -42.58 -9.03
CA GLY A 28 6.77 -41.85 -9.17
C GLY A 28 7.61 -42.14 -7.95
N ASN A 29 8.68 -41.39 -7.76
CA ASN A 29 9.36 -41.37 -6.47
C ASN A 29 8.54 -40.47 -5.53
N SER A 30 7.89 -41.04 -4.52
CA SER A 30 7.01 -40.23 -3.67
C SER A 30 7.82 -39.27 -2.81
N ASP A 31 9.09 -39.59 -2.60
CA ASP A 31 9.96 -38.71 -1.85
C ASP A 31 10.29 -37.49 -2.71
N GLN A 32 10.56 -37.74 -3.99
CA GLN A 32 10.90 -36.69 -4.94
C GLN A 32 9.76 -35.71 -5.13
N ASN A 33 8.54 -36.22 -5.16
CA ASN A 33 7.36 -35.38 -5.35
C ASN A 33 7.16 -34.46 -4.15
N LEU A 34 7.40 -35.00 -2.96
CA LEU A 34 7.31 -34.24 -1.72
C LEU A 34 8.33 -33.10 -1.73
N THR A 35 9.43 -33.33 -2.44
CA THR A 35 10.47 -32.33 -2.55
C THR A 35 10.05 -31.21 -3.52
N LYS A 36 9.49 -31.56 -4.67
CA LYS A 36 9.07 -30.53 -5.61
C LYS A 36 8.07 -29.60 -4.95
N VAL A 37 7.22 -30.17 -4.12
CA VAL A 37 6.17 -29.41 -3.46
C VAL A 37 6.79 -28.47 -2.43
N LYS A 38 7.75 -28.96 -1.65
CA LYS A 38 8.38 -28.12 -0.66
C LYS A 38 9.08 -26.95 -1.32
N LEU A 39 9.77 -27.22 -2.42
CA LEU A 39 10.50 -26.16 -3.13
C LEU A 39 9.52 -25.20 -3.78
N GLN A 40 8.35 -25.68 -4.16
CA GLN A 40 7.37 -24.83 -4.80
C GLN A 40 6.80 -23.85 -3.81
N TYR A 41 6.70 -24.30 -2.57
CA TYR A 41 6.11 -23.54 -1.46
CA TYR A 41 6.07 -23.44 -1.59
C TYR A 41 7.09 -22.56 -0.87
N GLN A 42 8.36 -22.98 -0.81
CA GLN A 42 9.40 -22.10 -0.30
C GLN A 42 9.52 -20.91 -1.26
N LYS A 43 9.45 -21.20 -2.56
CA LYS A 43 9.53 -20.19 -3.61
C LYS A 43 8.36 -19.18 -3.57
N ALA A 44 7.16 -19.67 -3.32
CA ALA A 44 5.99 -18.80 -3.22
C ALA A 44 6.05 -17.93 -1.96
N HIS A 45 6.62 -18.50 -0.89
CA HIS A 45 6.75 -17.78 0.39
C HIS A 45 7.74 -16.64 0.20
N ASN A 46 8.84 -16.93 -0.50
CA ASN A 46 9.83 -15.90 -0.77
C ASN A 46 9.27 -14.76 -1.64
N GLU A 47 8.45 -15.11 -2.64
CA GLU A 47 7.84 -14.09 -3.50
C GLU A 47 6.88 -13.24 -2.69
N LEU A 48 6.16 -13.91 -1.80
CA LEU A 48 5.27 -13.19 -0.92
C LEU A 48 6.08 -12.18 -0.09
N ASN A 49 7.30 -12.55 0.33
CA ASN A 49 8.09 -11.69 1.21
C ASN A 49 8.69 -10.53 0.43
N GLU A 50 9.08 -10.80 -0.80
CA GLU A 50 9.65 -9.78 -1.67
C GLU A 50 8.60 -8.74 -1.96
N THR A 51 7.41 -9.24 -2.28
CA THR A 51 6.29 -8.37 -2.62
C THR A 51 5.89 -7.50 -1.46
N HIS A 52 5.81 -8.10 -0.27
CA HIS A 52 5.47 -7.33 0.89
C HIS A 52 6.54 -6.29 1.15
N GLN A 53 7.79 -6.72 1.04
CA GLN A 53 8.90 -5.82 1.26
C GLN A 53 8.92 -4.73 0.21
N PHE A 54 8.52 -5.06 -1.01
CA PHE A 54 8.44 -4.03 -2.05
C PHE A 54 7.40 -2.93 -1.71
N PHE A 55 6.21 -3.33 -1.27
CA PHE A 55 5.19 -2.32 -0.98
C PHE A 55 5.50 -1.56 0.29
N ALA A 56 6.18 -2.21 1.23
CA ALA A 56 6.53 -1.53 2.48
C ALA A 56 7.57 -0.47 2.19
N SER A 57 8.53 -0.77 1.32
CA SER A 57 9.54 0.22 0.99
C SER A 57 8.91 1.39 0.25
N LEU A 59 5.70 2.42 0.55
CA LEU A 59 5.00 3.26 1.49
C LEU A 59 5.97 4.10 2.34
N ASP A 60 7.12 3.57 2.70
CA ASP A 60 8.07 4.34 3.50
C ASP A 60 8.58 5.53 2.71
N GLU A 61 9.05 5.23 1.50
CA GLU A 61 9.67 6.22 0.65
C GLU A 61 8.69 7.30 0.28
N ARG A 62 7.45 6.93 0.02
CA ARG A 62 6.44 7.90 -0.31
C ARG A 62 6.19 8.84 0.88
N LYS A 63 6.17 8.25 2.09
CA LYS A 63 5.99 9.02 3.29
C LYS A 63 7.08 10.04 3.52
N THR A 64 8.34 9.64 3.35
CA THR A 64 9.40 10.58 3.64
C THR A 64 9.46 11.70 2.60
N GLU A 65 9.09 11.38 1.36
CA GLU A 65 9.00 12.40 0.33
C GLU A 65 7.92 13.43 0.66
N LEU A 66 6.76 12.97 1.15
CA LEU A 66 5.72 13.92 1.52
C LEU A 66 6.15 14.76 2.72
N LEU A 67 6.87 14.17 3.68
CA LEU A 67 7.33 14.94 4.84
C LEU A 67 8.31 16.00 4.36
N LYS A 68 9.13 15.63 3.38
CA LYS A 68 10.11 16.56 2.84
C LYS A 68 9.41 17.69 2.08
N GLU A 69 8.34 17.36 1.37
CA GLU A 69 7.58 18.36 0.64
C GLU A 69 6.90 19.28 1.62
N LEU A 70 6.54 18.72 2.75
CA LEU A 70 5.81 19.46 3.77
C LEU A 70 6.75 20.44 4.47
N GLU A 71 7.97 20.00 4.78
CA GLU A 71 8.96 20.89 5.38
C GLU A 71 9.28 22.06 4.45
N THR A 72 9.40 21.77 3.17
CA THR A 72 9.68 22.78 2.16
C THR A 72 8.62 23.86 2.07
N LEU A 73 7.37 23.44 1.98
CA LEU A 73 6.24 24.36 1.92
C LEU A 73 6.15 25.18 3.20
N TYR A 74 6.33 24.52 4.33
CA TYR A 74 6.30 25.21 5.62
C TYR A 74 7.34 26.32 5.67
N THR A 75 8.57 26.00 5.28
CA THR A 75 9.63 27.00 5.23
C THR A 75 9.27 28.18 4.32
N ALA A 76 8.70 27.89 3.15
CA ALA A 76 8.32 28.92 2.19
C ALA A 76 7.24 29.80 2.81
N LYS A 77 6.33 29.18 3.56
CA LYS A 77 5.26 29.95 4.17
C LYS A 77 5.85 30.91 5.21
N VAL A 78 6.72 30.38 6.07
CA VAL A 78 7.33 31.18 7.12
C VAL A 78 8.11 32.37 6.54
N ASN A 79 8.87 32.13 5.48
CA ASN A 79 9.63 33.19 4.83
C ASN A 79 8.73 34.22 4.14
N SER A 80 7.64 33.73 3.55
CA SER A 80 6.68 34.56 2.84
C SER A 80 5.97 35.48 3.83
N ASN A 81 5.70 34.99 5.04
CA ASN A 81 5.07 35.82 6.06
C ASN A 81 6.03 36.85 6.64
N ASN A 82 7.30 36.47 6.78
CA ASN A 82 8.29 37.40 7.34
C ASN A 82 8.63 38.57 6.41
N SER A 83 8.74 38.27 5.12
CA SER A 83 9.10 39.28 4.17
C SER A 83 7.92 40.24 4.00
N TRP A 84 6.71 39.70 4.07
CA TRP A 84 5.52 40.52 3.97
C TRP A 84 5.43 41.44 5.17
N GLN A 85 5.71 40.89 6.36
CA GLN A 85 5.71 41.66 7.59
C GLN A 85 6.73 42.79 7.56
N GLN A 86 7.92 42.48 7.07
CA GLN A 86 9.00 43.45 7.04
C GLN A 86 8.68 44.56 6.03
N ARG A 87 8.14 44.19 4.87
CA ARG A 87 7.81 45.21 3.88
C ARG A 87 6.71 46.13 4.39
N SER A 88 5.73 45.55 5.08
CA SER A 88 4.63 46.33 5.65
C SER A 88 5.13 47.32 6.70
N ARG A 89 6.03 46.87 7.58
CA ARG A 89 6.59 47.80 8.57
C ARG A 89 7.31 48.96 7.85
N ASP A 90 8.00 48.65 6.75
CA ASP A 90 8.73 49.66 6.03
C ASP A 90 7.76 50.64 5.33
N LEU A 91 6.66 50.12 4.79
CA LEU A 91 5.66 50.97 4.15
C LEU A 91 4.91 51.81 5.16
N ILE A 92 4.56 51.18 6.29
CA ILE A 92 3.86 51.91 7.35
C ILE A 92 4.73 53.04 7.88
N ASP A 93 6.01 52.80 8.13
CA ASP A 93 6.86 53.87 8.63
C ASP A 93 6.91 55.02 7.60
N LYS A 94 7.04 54.68 6.32
CA LYS A 94 7.14 55.70 5.28
C LYS A 94 5.80 56.41 5.05
N GLY A 95 4.71 55.66 5.07
CA GLY A 95 3.40 56.22 4.83
C GLY A 95 3.05 57.25 5.89
N LEU A 96 3.26 56.88 7.14
CA LEU A 96 3.03 57.74 8.29
C LEU A 96 3.90 58.99 8.26
N ALA A 97 5.18 58.80 7.97
CA ALA A 97 6.09 59.93 7.93
C ALA A 97 5.62 60.89 6.84
N THR A 98 5.20 60.32 5.73
CA THR A 98 4.76 61.10 4.58
C THR A 98 3.46 61.83 4.90
N CYS A 99 2.55 61.17 5.62
CA CYS A 99 1.31 61.82 6.03
C CYS A 99 1.58 63.00 6.96
N GLU A 100 2.48 62.77 7.92
CA GLU A 100 2.82 63.79 8.87
C GLU A 100 3.49 64.94 8.20
N ALA A 101 4.35 64.65 7.23
CA ALA A 101 5.04 65.72 6.53
C ALA A 101 4.02 66.57 5.77
N VAL A 102 3.02 65.92 5.18
CA VAL A 102 1.99 66.61 4.42
C VAL A 102 1.09 67.45 5.31
N GLU A 103 0.67 66.85 6.41
CA GLU A 103 -0.26 67.52 7.32
C GLU A 103 0.32 68.77 7.97
N ARG A 104 1.65 68.86 8.06
CA ARG A 104 2.29 70.01 8.70
C ARG A 104 2.89 70.97 7.68
N SER A 105 2.85 70.61 6.40
CA SER A 105 3.51 71.43 5.38
C SER A 105 2.80 72.75 5.10
N PRO A 106 3.56 73.84 5.09
CA PRO A 106 3.05 75.15 4.67
C PRO A 106 2.60 75.10 3.22
N ALA A 107 3.36 74.35 2.45
CA ALA A 107 3.13 74.18 1.02
C ALA A 107 3.75 72.85 0.55
N PRO A 108 2.95 71.78 0.48
CA PRO A 108 3.53 70.47 0.12
C PRO A 108 4.29 70.48 -1.21
N PRO A 109 5.60 70.20 -1.20
CA PRO A 109 6.36 70.13 -2.45
C PRO A 109 5.81 69.04 -3.34
N SER A 110 6.05 69.16 -4.63
CA SER A 110 5.55 68.18 -5.57
C SER A 110 6.13 66.78 -5.34
N SER A 111 7.35 66.72 -4.80
CA SER A 111 7.99 65.43 -4.55
C SER A 111 7.31 64.72 -3.38
N LEU A 112 6.90 65.50 -2.39
CA LEU A 112 6.19 64.94 -1.24
C LEU A 112 4.82 64.43 -1.69
N LEU A 113 4.15 65.17 -2.57
CA LEU A 113 2.84 64.72 -3.04
C LEU A 113 3.00 63.50 -3.91
N THR A 114 4.09 63.43 -4.67
CA THR A 114 4.34 62.26 -5.51
C THR A 114 4.58 61.01 -4.67
N GLU A 115 5.35 61.22 -3.61
CA GLU A 115 5.69 60.19 -2.64
C GLU A 115 4.44 59.68 -1.96
N ALA A 116 3.54 60.60 -1.57
CA ALA A 116 2.27 60.17 -0.99
C ALA A 116 1.52 59.27 -1.96
N LEU A 117 1.43 59.67 -3.22
CA LEU A 117 0.72 58.89 -4.23
C LEU A 117 1.31 57.50 -4.46
N LEU A 118 2.63 57.43 -4.51
CA LEU A 118 3.32 56.16 -4.70
C LEU A 118 3.12 55.25 -3.51
N LEU A 119 3.24 55.81 -2.32
CA LEU A 119 3.09 55.04 -1.11
C LEU A 119 1.65 54.56 -0.98
N ARG A 120 0.70 55.39 -1.43
CA ARG A 120 -0.69 54.99 -1.33
C ARG A 120 -0.91 53.78 -2.20
N LYS A 121 -0.31 53.77 -3.39
CA LYS A 121 -0.42 52.65 -4.30
C LYS A 121 0.19 51.38 -3.70
N SER A 122 1.38 51.52 -3.14
CA SER A 122 2.07 50.41 -2.50
C SER A 122 1.33 49.81 -1.31
N LEU A 123 0.67 50.65 -0.52
CA LEU A 123 -0.12 50.17 0.61
C LEU A 123 -1.31 49.35 0.09
N GLU A 124 -1.85 49.75 -1.06
CA GLU A 124 -2.96 49.01 -1.66
C GLU A 124 -2.48 47.62 -2.10
N GLN A 125 -1.32 47.56 -2.75
CA GLN A 125 -0.77 46.28 -3.20
C GLN A 125 -0.44 45.42 -1.99
N GLN A 126 0.15 46.04 -0.99
CA GLN A 126 0.50 45.31 0.21
C GLN A 126 -0.75 44.75 0.92
N LEU A 127 -1.83 45.52 0.95
CA LEU A 127 -3.07 45.03 1.54
C LEU A 127 -3.70 43.95 0.65
N GLN A 128 -3.60 44.11 -0.67
CA GLN A 128 -4.15 43.13 -1.60
C GLN A 128 -3.37 41.83 -1.50
N THR A 129 -2.04 41.95 -1.39
CA THR A 129 -1.17 40.80 -1.18
C THR A 129 -1.36 40.19 0.21
N GLY A 130 -2.27 40.77 0.98
CA GLY A 130 -2.63 40.26 2.29
C GLY A 130 -3.59 39.08 2.15
N ILE A 131 -3.85 38.70 0.90
CA ILE A 131 -4.63 37.51 0.61
C ILE A 131 -3.79 36.24 0.80
N ASN B 5 -9.86 72.74 -3.45
CA ASN B 5 -9.04 71.62 -3.92
C ASN B 5 -7.96 71.21 -2.90
N GLU B 6 -8.25 71.42 -1.62
CA GLU B 6 -7.44 70.85 -0.56
C GLU B 6 -8.21 69.69 0.06
N SER B 7 -9.35 69.37 -0.57
CA SER B 7 -10.17 68.25 -0.14
C SER B 7 -9.69 66.95 -0.79
N ALA B 8 -9.11 67.07 -1.97
CA ALA B 8 -8.44 65.96 -2.63
C ALA B 8 -7.29 65.44 -1.78
N LEU B 9 -6.57 66.38 -1.15
CA LEU B 9 -5.49 66.03 -0.23
C LEU B 9 -5.96 65.29 1.01
N GLN B 10 -7.02 65.80 1.66
CA GLN B 10 -7.52 65.17 2.87
C GLN B 10 -8.06 63.78 2.59
N THR B 11 -8.66 63.61 1.41
CA THR B 11 -9.18 62.31 1.01
C THR B 11 -7.99 61.37 0.79
N LEU B 12 -6.94 61.89 0.16
CA LEU B 12 -5.74 61.11 -0.04
C LEU B 12 -5.14 60.67 1.29
N LEU B 13 -4.98 61.61 2.20
CA LEU B 13 -4.36 61.31 3.49
C LEU B 13 -5.17 60.29 4.29
N ALA B 14 -6.48 60.50 4.40
CA ALA B 14 -7.33 59.60 5.16
C ALA B 14 -7.31 58.24 4.52
N ASP B 15 -7.29 58.20 3.19
CA ASP B 15 -7.24 56.96 2.45
C ASP B 15 -5.97 56.18 2.77
N ARG B 17 -4.12 56.62 5.48
CA ARG B 17 -4.14 56.26 6.90
C ARG B 17 -5.08 55.08 7.15
N GLY B 18 -6.13 55.00 6.34
CA GLY B 18 -7.07 53.90 6.40
C GLY B 18 -6.44 52.59 5.97
N LYS B 19 -5.71 52.65 4.85
CA LYS B 19 -5.06 51.45 4.33
C LYS B 19 -3.94 51.02 5.27
N ILE B 20 -3.25 52.00 5.84
CA ILE B 20 -2.23 51.74 6.85
C ILE B 20 -2.86 51.03 8.04
N GLY B 21 -3.99 51.56 8.51
CA GLY B 21 -4.70 50.95 9.61
C GLY B 21 -5.16 49.54 9.28
N GLU B 22 -5.75 49.36 8.10
CA GLU B 22 -6.21 48.04 7.69
C GLU B 22 -5.03 47.08 7.72
N ILE B 23 -3.92 47.49 7.11
CA ILE B 23 -2.69 46.70 7.12
C ILE B 23 -2.25 46.44 8.57
N VAL B 24 -2.24 47.47 9.41
CA VAL B 24 -1.90 47.31 10.82
C VAL B 24 -2.85 46.33 11.52
N ALA B 27 -1.99 41.80 8.84
CA ALA B 27 -1.68 42.46 10.09
C ALA B 27 -0.90 41.57 11.05
N GLY B 28 -0.40 42.15 12.14
CA GLY B 28 0.15 41.35 13.22
C GLY B 28 -1.05 40.90 14.03
N ASN B 29 -0.87 40.20 15.15
CA ASN B 29 0.42 39.79 15.68
C ASN B 29 1.01 38.64 14.90
N SER B 30 2.14 38.90 14.26
CA SER B 30 2.77 37.92 13.40
C SER B 30 3.25 36.71 14.20
N ASP B 31 3.42 36.88 15.51
CA ASP B 31 3.82 35.76 16.37
C ASP B 31 2.67 34.76 16.53
N GLN B 32 1.48 35.28 16.74
CA GLN B 32 0.28 34.47 16.81
C GLN B 32 0.07 33.79 15.44
N ASN B 33 0.34 34.53 14.36
CA ASN B 33 0.20 34.00 13.01
C ASN B 33 1.23 32.92 12.73
N LEU B 34 2.45 33.15 13.20
CA LEU B 34 3.52 32.16 13.05
C LEU B 34 3.14 30.91 13.83
N THR B 35 2.37 31.09 14.89
CA THR B 35 1.94 30.00 15.73
C THR B 35 0.88 29.19 15.02
N LYS B 36 -0.06 29.88 14.38
CA LYS B 36 -1.10 29.19 13.60
C LYS B 36 -0.45 28.31 12.53
N VAL B 37 0.62 28.81 11.92
CA VAL B 37 1.27 28.10 10.82
C VAL B 37 1.98 26.85 11.36
N LYS B 38 2.70 27.01 12.46
CA LYS B 38 3.45 25.91 13.08
C LYS B 38 2.52 24.77 13.51
N LEU B 39 1.36 25.10 14.07
CA LEU B 39 0.43 24.05 14.48
C LEU B 39 -0.23 23.38 13.28
N GLN B 40 -0.43 24.12 12.20
CA GLN B 40 -1.06 23.52 11.04
C GLN B 40 -0.09 22.54 10.36
N TYR B 41 1.20 22.81 10.44
CA TYR B 41 2.24 21.99 9.82
CA TYR B 41 2.13 21.93 9.75
C TYR B 41 2.55 20.75 10.65
N GLN B 42 2.49 20.91 11.96
CA GLN B 42 2.69 19.78 12.87
C GLN B 42 1.54 18.81 12.69
N LYS B 43 0.32 19.34 12.60
CA LYS B 43 -0.84 18.49 12.45
C LYS B 43 -0.71 17.71 11.16
N ALA B 44 -0.29 18.38 10.08
CA ALA B 44 -0.18 17.68 8.80
C ALA B 44 0.96 16.65 8.84
N HIS B 45 2.01 16.96 9.61
CA HIS B 45 3.15 16.08 9.79
C HIS B 45 2.76 14.79 10.55
N ASN B 46 2.04 14.99 11.65
CA ASN B 46 1.57 13.89 12.47
C ASN B 46 0.51 13.02 11.74
N GLU B 47 -0.34 13.65 10.93
CA GLU B 47 -1.31 12.90 10.13
C GLU B 47 -0.60 12.03 9.09
N LEU B 48 0.45 12.55 8.47
CA LEU B 48 1.25 11.73 7.56
C LEU B 48 1.83 10.50 8.28
N ASN B 49 2.27 10.66 9.52
CA ASN B 49 2.85 9.56 10.23
C ASN B 49 1.81 8.53 10.70
N GLU B 50 0.66 9.02 11.14
CA GLU B 50 -0.38 8.13 11.62
C GLU B 50 -0.89 7.26 10.50
N THR B 51 -1.15 7.92 9.38
CA THR B 51 -1.70 7.25 8.21
C THR B 51 -0.71 6.23 7.67
N HIS B 52 0.56 6.60 7.63
CA HIS B 52 1.57 5.66 7.19
C HIS B 52 1.65 4.46 8.10
N GLN B 53 1.59 4.72 9.40
CA GLN B 53 1.69 3.65 10.38
C GLN B 53 0.46 2.77 10.34
N PHE B 54 -0.69 3.39 10.12
CA PHE B 54 -1.91 2.64 9.97
C PHE B 54 -1.83 1.69 8.75
N PHE B 55 -1.40 2.20 7.58
CA PHE B 55 -1.34 1.33 6.42
C PHE B 55 -0.24 0.28 6.51
N ALA B 56 0.81 0.58 7.24
CA ALA B 56 1.89 -0.38 7.38
C ALA B 56 1.35 -1.55 8.19
N SER B 57 0.55 -1.28 9.21
CA SER B 57 0.00 -2.37 9.99
C SER B 57 -1.02 -3.16 9.16
N LEU B 59 -0.82 -3.54 6.00
CA LEU B 59 0.00 -4.30 5.09
C LEU B 59 0.56 -5.56 5.77
N ASP B 60 0.93 -5.45 7.04
CA ASP B 60 1.41 -6.62 7.76
C ASP B 60 0.26 -7.61 7.89
N GLU B 61 -0.93 -7.13 8.25
CA GLU B 61 -2.07 -8.04 8.41
C GLU B 61 -2.36 -8.80 7.10
N ARG B 62 -2.26 -8.11 5.99
CA ARG B 62 -2.47 -8.76 4.73
C ARG B 62 -1.42 -9.81 4.47
N LYS B 63 -0.19 -9.52 4.85
CA LYS B 63 0.86 -10.47 4.61
C LYS B 63 0.61 -11.71 5.44
N THR B 64 0.21 -11.55 6.70
CA THR B 64 0.04 -12.73 7.49
C THR B 64 -1.19 -13.55 7.01
N GLU B 65 -2.23 -12.93 6.46
CA GLU B 65 -3.34 -13.69 5.85
C GLU B 65 -2.90 -14.50 4.64
N LEU B 66 -2.13 -13.87 3.76
CA LEU B 66 -1.65 -14.53 2.55
C LEU B 66 -0.72 -15.66 2.92
N LEU B 67 0.09 -15.44 3.96
CA LEU B 67 1.00 -16.47 4.43
C LEU B 67 0.23 -17.65 5.00
N LYS B 68 -0.88 -17.37 5.69
CA LYS B 68 -1.66 -18.44 6.25
C LYS B 68 -2.37 -19.23 5.16
N GLU B 69 -2.85 -18.52 4.14
CA GLU B 69 -3.51 -19.19 3.03
C GLU B 69 -2.49 -20.05 2.30
N LEU B 70 -1.24 -19.62 2.31
CA LEU B 70 -0.18 -20.35 1.65
C LEU B 70 0.17 -21.65 2.40
N GLU B 71 0.31 -21.56 3.72
CA GLU B 71 0.63 -22.75 4.51
C GLU B 71 -0.47 -23.80 4.41
N THR B 72 -1.71 -23.35 4.44
CA THR B 72 -2.87 -24.20 4.36
C THR B 72 -2.91 -24.98 3.05
N LEU B 73 -2.71 -24.29 1.93
CA LEU B 73 -2.66 -24.95 0.65
C LEU B 73 -1.53 -25.97 0.65
N TYR B 74 -0.38 -25.57 1.18
CA TYR B 74 0.79 -26.45 1.23
C TYR B 74 0.53 -27.72 2.03
N THR B 75 0.01 -27.56 3.23
CA THR B 75 -0.34 -28.67 4.09
C THR B 75 -1.39 -29.56 3.43
N ALA B 76 -2.36 -28.97 2.77
CA ALA B 76 -3.40 -29.76 2.14
C ALA B 76 -2.82 -30.63 1.03
N LYS B 77 -1.92 -30.05 0.25
CA LYS B 77 -1.29 -30.74 -0.88
C LYS B 77 -0.40 -31.89 -0.38
N VAL B 78 0.43 -31.60 0.61
CA VAL B 78 1.29 -32.63 1.19
C VAL B 78 0.45 -33.79 1.76
N ASN B 79 -0.63 -33.45 2.46
CA ASN B 79 -1.55 -34.45 2.98
C ASN B 79 -2.28 -35.17 1.89
N SER B 80 -2.65 -34.43 0.84
CA SER B 80 -3.37 -35.01 -0.26
C SER B 80 -2.51 -36.04 -0.98
N ASN B 81 -1.22 -35.74 -1.10
CA ASN B 81 -0.29 -36.66 -1.75
C ASN B 81 0.09 -37.86 -0.88
N ASN B 82 0.22 -37.64 0.42
CA ASN B 82 0.56 -38.72 1.34
C ASN B 82 -0.60 -39.68 1.37
N SER B 83 -1.80 -39.13 1.29
CA SER B 83 -2.97 -39.95 1.40
C SER B 83 -3.14 -40.79 0.13
N TRP B 84 -2.81 -40.20 -1.02
CA TRP B 84 -2.91 -40.91 -2.30
C TRP B 84 -1.89 -42.04 -2.39
N GLN B 85 -0.65 -41.75 -1.99
CA GLN B 85 0.42 -42.73 -2.02
C GLN B 85 0.12 -43.95 -1.18
N GLN B 86 -0.37 -43.70 0.04
CA GLN B 86 -0.61 -44.78 1.00
C GLN B 86 -1.82 -45.62 0.57
N ARG B 87 -2.86 -44.98 0.04
CA ARG B 87 -4.01 -45.70 -0.50
C ARG B 87 -3.55 -46.53 -1.70
N SER B 88 -2.67 -45.97 -2.52
CA SER B 88 -2.11 -46.71 -3.65
C SER B 88 -1.31 -47.95 -3.19
N ARG B 89 -0.47 -47.81 -2.17
CA ARG B 89 0.27 -48.97 -1.66
C ARG B 89 -0.69 -50.08 -1.21
N ASP B 90 -1.78 -49.68 -0.58
CA ASP B 90 -2.74 -50.64 -0.08
C ASP B 90 -3.60 -51.25 -1.19
N LEU B 91 -3.92 -50.48 -2.23
CA LEU B 91 -4.66 -51.02 -3.38
C LEU B 91 -3.80 -51.96 -4.22
N ILE B 92 -2.53 -51.59 -4.40
CA ILE B 92 -1.62 -52.44 -5.15
C ILE B 92 -1.47 -53.77 -4.42
N ASP B 93 -1.31 -53.70 -3.09
CA ASP B 93 -1.16 -54.88 -2.27
C ASP B 93 -2.38 -55.77 -2.37
N LYS B 94 -3.56 -55.15 -2.24
CA LYS B 94 -4.82 -55.86 -2.24
C LYS B 94 -5.15 -56.34 -3.66
N GLY B 95 -4.87 -55.47 -4.64
CA GLY B 95 -5.14 -55.77 -6.03
C GLY B 95 -4.36 -56.97 -6.47
N LEU B 96 -3.07 -56.99 -6.15
CA LEU B 96 -2.22 -58.14 -6.50
C LEU B 96 -2.68 -59.43 -5.87
N ALA B 97 -2.95 -59.41 -4.56
CA ALA B 97 -3.37 -60.62 -3.86
C ALA B 97 -4.66 -61.18 -4.47
N THR B 98 -5.58 -60.30 -4.84
CA THR B 98 -6.85 -60.74 -5.38
C THR B 98 -6.65 -61.40 -6.73
N CYS B 99 -5.79 -60.83 -7.57
CA CYS B 99 -5.50 -61.44 -8.87
C CYS B 99 -4.89 -62.84 -8.69
N GLU B 100 -3.96 -62.97 -7.74
CA GLU B 100 -3.32 -64.25 -7.46
C GLU B 100 -4.33 -65.27 -6.94
N ALA B 101 -5.28 -64.82 -6.12
CA ALA B 101 -6.31 -65.71 -5.57
C ALA B 101 -7.22 -66.17 -6.71
N VAL B 102 -7.54 -65.24 -7.61
CA VAL B 102 -8.44 -65.55 -8.71
C VAL B 102 -7.78 -66.53 -9.67
N GLU B 103 -6.53 -66.25 -10.05
CA GLU B 103 -5.80 -67.09 -11.00
C GLU B 103 -5.49 -68.49 -10.48
N ARG B 104 -5.48 -68.66 -9.16
CA ARG B 104 -5.08 -69.94 -8.59
C ARG B 104 -6.31 -70.76 -8.30
N SER B 105 -7.45 -70.11 -8.39
CA SER B 105 -8.69 -70.78 -8.07
C SER B 105 -9.09 -71.70 -9.21
N PRO B 106 -9.39 -72.97 -8.88
CA PRO B 106 -9.99 -73.90 -9.85
C PRO B 106 -11.34 -73.37 -10.32
N ALA B 107 -12.05 -72.74 -9.39
CA ALA B 107 -13.35 -72.15 -9.66
C ALA B 107 -13.61 -70.98 -8.71
N PRO B 108 -13.31 -69.76 -9.19
CA PRO B 108 -13.44 -68.50 -8.43
C PRO B 108 -14.87 -68.27 -7.96
N PRO B 109 -15.07 -68.18 -6.64
CA PRO B 109 -16.41 -67.89 -6.11
C PRO B 109 -16.93 -66.54 -6.61
N SER B 110 -18.24 -66.34 -6.61
CA SER B 110 -18.79 -65.08 -7.06
C SER B 110 -18.38 -63.93 -6.13
N SER B 111 -18.19 -64.23 -4.85
CA SER B 111 -17.83 -63.19 -3.89
C SER B 111 -16.42 -62.70 -4.15
N LEU B 112 -15.53 -63.64 -4.49
CA LEU B 112 -14.16 -63.27 -4.82
C LEU B 112 -14.12 -62.43 -6.09
N LEU B 113 -14.93 -62.84 -7.07
CA LEU B 113 -15.02 -62.13 -8.33
C LEU B 113 -15.64 -60.76 -8.16
N THR B 114 -16.60 -60.64 -7.24
CA THR B 114 -17.23 -59.36 -6.92
C THR B 114 -16.18 -58.42 -6.32
N GLU B 115 -15.35 -58.97 -5.43
CA GLU B 115 -14.26 -58.20 -4.86
C GLU B 115 -13.28 -57.73 -5.93
N ALA B 116 -12.92 -58.63 -6.87
CA ALA B 116 -12.03 -58.24 -7.97
C ALA B 116 -12.64 -57.07 -8.76
N LEU B 117 -13.93 -57.15 -9.05
CA LEU B 117 -14.63 -56.09 -9.79
C LEU B 117 -14.60 -54.78 -9.00
N LEU B 118 -14.76 -54.87 -7.69
CA LEU B 118 -14.74 -53.70 -6.80
C LEU B 118 -13.35 -53.06 -6.80
N LEU B 119 -12.30 -53.87 -6.66
CA LEU B 119 -10.94 -53.37 -6.67
C LEU B 119 -10.58 -52.78 -7.99
N ARG B 120 -11.07 -53.40 -9.06
CA ARG B 120 -10.78 -52.91 -10.40
C ARG B 120 -11.30 -51.49 -10.53
N LYS B 121 -12.50 -51.25 -9.99
CA LYS B 121 -13.08 -49.92 -9.98
C LYS B 121 -12.23 -48.96 -9.13
N SER B 122 -11.81 -49.40 -7.95
CA SER B 122 -10.97 -48.56 -7.10
C SER B 122 -9.64 -48.23 -7.76
N LEU B 123 -9.05 -49.19 -8.45
CA LEU B 123 -7.82 -48.94 -9.16
C LEU B 123 -8.03 -47.89 -10.26
N GLU B 124 -9.17 -47.93 -10.92
CA GLU B 124 -9.47 -46.98 -11.98
C GLU B 124 -9.57 -45.58 -11.39
N GLN B 125 -10.24 -45.48 -10.25
CA GLN B 125 -10.38 -44.21 -9.58
C GLN B 125 -9.04 -43.68 -9.07
N GLN B 126 -8.23 -44.54 -8.48
CA GLN B 126 -6.92 -44.12 -7.96
C GLN B 126 -6.03 -43.63 -9.09
N LEU B 127 -6.10 -44.31 -10.23
CA LEU B 127 -5.30 -43.93 -11.38
C LEU B 127 -5.80 -42.62 -11.96
N GLN B 128 -7.12 -42.42 -11.99
CA GLN B 128 -7.68 -41.20 -12.57
C GLN B 128 -7.35 -39.98 -11.73
N THR B 129 -7.55 -40.04 -10.42
CA THR B 129 -7.12 -38.94 -9.57
C THR B 129 -5.62 -38.86 -9.44
N GLY B 130 -4.89 -39.84 -9.98
CA GLY B 130 -3.45 -39.75 -10.00
C GLY B 130 -2.99 -38.96 -11.21
N ILE B 131 -3.93 -38.62 -12.08
CA ILE B 131 -3.65 -37.74 -13.20
C ILE B 131 -3.69 -36.29 -12.71
N GLN B 132 -2.55 -35.79 -12.23
CA GLN B 132 -2.42 -34.43 -11.69
C GLN B 132 -3.40 -34.18 -10.54
#